data_7ZW4
#
_entry.id   7ZW4
#
_cell.length_a   46.656
_cell.length_b   61.348
_cell.length_c   98.180
_cell.angle_alpha   90.00
_cell.angle_beta   90.00
_cell.angle_gamma   90.00
#
_symmetry.space_group_name_H-M   'P 2 21 21'
#
loop_
_entity.id
_entity.type
_entity.pdbx_description
1 polymer Talin-1
2 polymer Caskin-2
#
loop_
_entity_poly.entity_id
_entity_poly.type
_entity_poly.pdbx_seq_one_letter_code
_entity_poly.pdbx_strand_id
1 'polypeptide(L)'
;GPGQKECDNALRQLETVRELLENPVQPINDMSYFGCLDSVMENSKVLGEAMTGISQNAKNGNLPEFGDAIATASKALCGF
TEAAAQAAYLVGVSDPNSQAGQQGLVEPTQFARANQAIQMACQSLGEPGCTQAQVLSAATIVAKHTSALCNSCRLASART
ANPTAKRQFVQSAKEVANSTANLVKTIKALDGDFTEENRAQCRAATAPLLEAVDNLSAFASNPEFSSVPAQISPEGRAAM
EPIVISAKTMLESAGGLIQTARALAVNPRDPPRWSVLAGHSRTVSDSIKKLITSMRDKAPGQL
;
A
2 'polypeptide(L)' STKHILDDISTMFDALADQLDAMLD B
#
# COMPACT_ATOMS: atom_id res chain seq x y z
N LYS A 5 8.40 -12.84 -17.90
CA LYS A 5 9.43 -11.79 -18.10
C LYS A 5 9.07 -10.50 -17.36
N GLU A 6 9.93 -9.47 -17.51
CA GLU A 6 9.73 -8.14 -16.93
C GLU A 6 8.32 -7.58 -17.16
N CYS A 7 7.67 -8.03 -18.25
CA CYS A 7 6.29 -7.68 -18.58
C CYS A 7 5.27 -8.08 -17.52
N ASP A 8 5.40 -9.32 -16.98
CA ASP A 8 4.39 -9.89 -16.08
C ASP A 8 4.44 -9.27 -14.68
N ASN A 9 3.74 -8.14 -14.53
CA ASN A 9 3.69 -7.38 -13.30
C ASN A 9 3.00 -8.12 -12.16
N ALA A 10 2.04 -8.99 -12.49
CA ALA A 10 1.32 -9.80 -11.50
C ALA A 10 2.23 -10.81 -10.83
N LEU A 11 2.98 -11.57 -11.65
CA LEU A 11 3.93 -12.55 -11.17
C LEU A 11 5.04 -11.90 -10.34
N ARG A 12 5.58 -10.78 -10.84
CA ARG A 12 6.65 -10.00 -10.15
C ARG A 12 6.11 -9.45 -8.82
N GLN A 13 4.83 -9.03 -8.79
CA GLN A 13 4.21 -8.52 -7.57
C GLN A 13 3.96 -9.61 -6.54
N LEU A 14 3.68 -10.84 -6.99
CA LEU A 14 3.60 -11.99 -6.09
C LEU A 14 4.95 -12.25 -5.42
N GLU A 15 6.03 -12.19 -6.22
CA GLU A 15 7.39 -12.34 -5.70
C GLU A 15 7.72 -11.26 -4.67
N THR A 16 7.40 -10.00 -4.99
CA THR A 16 7.58 -8.89 -4.06
C THR A 16 6.81 -9.12 -2.76
N VAL A 17 5.56 -9.56 -2.90
CA VAL A 17 4.67 -9.86 -1.78
C VAL A 17 5.27 -10.92 -0.85
N ARG A 18 5.87 -11.97 -1.42
CA ARG A 18 6.48 -13.11 -0.68
C ARG A 18 7.50 -12.59 0.34
N GLU A 19 8.14 -11.44 0.08
CA GLU A 19 9.12 -10.86 1.01
C GLU A 19 8.54 -10.61 2.41
N LEU A 20 7.23 -10.31 2.48
CA LEU A 20 6.53 -10.12 3.75
C LEU A 20 6.65 -11.34 4.67
N LEU A 21 6.72 -12.52 4.08
CA LEU A 21 6.78 -13.80 4.79
C LEU A 21 8.19 -14.28 5.16
N GLU A 22 9.22 -13.60 4.63
CA GLU A 22 10.61 -14.06 4.75
C GLU A 22 11.17 -13.95 6.17
N ASN A 23 10.80 -12.90 6.91
CA ASN A 23 11.19 -12.74 8.31
C ASN A 23 10.30 -11.74 9.05
N PRO A 24 9.07 -12.14 9.44
CA PRO A 24 8.16 -11.24 10.16
C PRO A 24 8.64 -10.87 11.56
N VAL A 25 9.61 -9.94 11.65
CA VAL A 25 10.13 -9.44 12.92
C VAL A 25 9.49 -8.11 13.35
N GLN A 26 8.75 -7.48 12.43
CA GLN A 26 8.05 -6.23 12.69
C GLN A 26 6.61 -6.33 12.19
N PRO A 27 5.66 -5.60 12.81
CA PRO A 27 4.27 -5.59 12.32
C PRO A 27 4.16 -4.78 11.03
N ILE A 28 3.54 -5.36 10.00
CA ILE A 28 3.42 -4.72 8.69
C ILE A 28 2.18 -3.83 8.56
N ASN A 29 1.16 -4.10 9.39
CA ASN A 29 -0.06 -3.31 9.44
C ASN A 29 -0.57 -3.19 10.87
N ASP A 30 -1.77 -2.64 11.03
CA ASP A 30 -2.36 -2.33 12.33
C ASP A 30 -3.45 -3.31 12.77
N MET A 31 -3.50 -4.49 12.13
CA MET A 31 -4.52 -5.51 12.41
C MET A 31 -4.21 -6.31 13.67
N SER A 32 -5.26 -6.56 14.47
CA SER A 32 -5.25 -7.56 15.52
C SER A 32 -5.29 -8.92 14.85
N TYR A 33 -5.08 -9.98 15.65
CA TYR A 33 -5.14 -11.40 15.19
C TYR A 33 -6.54 -11.70 14.65
N PHE A 34 -7.57 -11.13 15.29
CA PHE A 34 -8.96 -11.18 14.83
C PHE A 34 -9.08 -10.57 13.44
N GLY A 35 -8.48 -9.38 13.27
CA GLY A 35 -8.42 -8.68 12.00
C GLY A 35 -7.80 -9.50 10.88
N CYS A 36 -6.68 -10.16 11.20
CA CYS A 36 -5.97 -11.04 10.28
C CYS A 36 -6.86 -12.20 9.83
N LEU A 37 -7.54 -12.82 10.79
CA LEU A 37 -8.45 -13.93 10.53
C LEU A 37 -9.60 -13.52 9.61
N ASP A 38 -10.21 -12.37 9.91
CA ASP A 38 -11.28 -11.80 9.08
C ASP A 38 -10.79 -11.51 7.66
N SER A 39 -9.58 -10.96 7.54
CA SER A 39 -8.97 -10.59 6.26
C SER A 39 -8.75 -11.82 5.37
N VAL A 40 -8.14 -12.85 5.96
CA VAL A 40 -7.93 -14.14 5.32
C VAL A 40 -9.23 -14.67 4.72
N MET A 41 -10.29 -14.67 5.54
CA MET A 41 -11.60 -15.18 5.13
C MET A 41 -12.21 -14.40 3.97
N GLU A 42 -12.21 -13.07 4.08
CA GLU A 42 -12.74 -12.19 3.04
C GLU A 42 -11.97 -12.40 1.73
N ASN A 43 -10.65 -12.32 1.83
CA ASN A 43 -9.77 -12.52 0.68
C ASN A 43 -9.89 -13.91 0.05
N SER A 44 -10.32 -14.91 0.84
CA SER A 44 -10.64 -16.25 0.33
C SER A 44 -11.82 -16.18 -0.62
N LYS A 45 -12.91 -15.53 -0.17
CA LYS A 45 -14.11 -15.34 -0.95
C LYS A 45 -13.79 -14.62 -2.25
N VAL A 46 -13.06 -13.50 -2.13
CA VAL A 46 -12.68 -12.68 -3.29
C VAL A 46 -11.78 -13.46 -4.27
N LEU A 47 -10.82 -14.20 -3.74
CA LEU A 47 -9.88 -14.98 -4.54
C LEU A 47 -10.58 -16.08 -5.35
N GLY A 48 -11.54 -16.76 -4.71
CA GLY A 48 -12.36 -17.77 -5.37
C GLY A 48 -13.06 -17.19 -6.60
N GLU A 49 -13.75 -16.06 -6.38
CA GLU A 49 -14.42 -15.32 -7.44
C GLU A 49 -13.46 -15.05 -8.60
N ALA A 50 -12.28 -14.51 -8.25
CA ALA A 50 -11.25 -14.15 -9.22
C ALA A 50 -10.81 -15.36 -10.05
N MET A 51 -10.52 -16.47 -9.37
CA MET A 51 -10.04 -17.70 -10.01
C MET A 51 -11.09 -18.29 -10.96
N THR A 52 -12.37 -18.19 -10.56
CA THR A 52 -13.49 -18.58 -11.42
C THR A 52 -13.50 -17.72 -12.68
N GLY A 53 -13.39 -16.40 -12.49
CA GLY A 53 -13.37 -15.43 -13.58
C GLY A 53 -12.21 -15.64 -14.55
N ILE A 54 -11.07 -16.04 -14.02
CA ILE A 54 -9.86 -16.32 -14.80
C ILE A 54 -10.09 -17.49 -15.77
N SER A 55 -10.62 -18.60 -15.25
CA SER A 55 -10.93 -19.78 -16.06
C SER A 55 -11.97 -19.47 -17.12
N GLN A 56 -13.11 -18.92 -16.67
CA GLN A 56 -14.26 -18.59 -17.53
C GLN A 56 -13.87 -17.74 -18.72
N ASN A 57 -13.18 -16.63 -18.46
CA ASN A 57 -12.78 -15.68 -19.50
C ASN A 57 -11.61 -16.14 -20.37
N ALA A 58 -10.85 -17.13 -19.87
CA ALA A 58 -9.82 -17.81 -20.65
C ALA A 58 -10.47 -18.74 -21.68
N LYS A 59 -11.53 -19.45 -21.25
CA LYS A 59 -12.33 -20.30 -22.13
C LYS A 59 -13.03 -19.46 -23.20
N ASN A 60 -13.80 -18.47 -22.74
CA ASN A 60 -14.60 -17.60 -23.60
C ASN A 60 -13.76 -16.61 -24.41
N GLY A 61 -12.53 -16.35 -23.95
CA GLY A 61 -11.62 -15.44 -24.62
C GLY A 61 -12.01 -13.99 -24.45
N ASN A 62 -12.46 -13.63 -23.24
CA ASN A 62 -12.83 -12.26 -22.88
C ASN A 62 -11.63 -11.61 -22.21
N LEU A 63 -10.73 -11.05 -23.03
CA LEU A 63 -9.44 -10.56 -22.58
C LEU A 63 -9.51 -9.42 -21.55
N PRO A 64 -10.40 -8.41 -21.72
CA PRO A 64 -10.50 -7.33 -20.74
C PRO A 64 -11.04 -7.81 -19.38
N GLU A 65 -12.09 -8.64 -19.38
CA GLU A 65 -12.66 -9.21 -18.16
C GLU A 65 -11.63 -10.12 -17.47
N PHE A 66 -10.90 -10.90 -18.26
CA PHE A 66 -9.82 -11.76 -17.81
C PHE A 66 -8.74 -10.96 -17.06
N GLY A 67 -8.33 -9.83 -17.65
CA GLY A 67 -7.34 -8.93 -17.07
C GLY A 67 -7.79 -8.36 -15.73
N ASP A 68 -9.06 -7.93 -15.67
CA ASP A 68 -9.71 -7.48 -14.45
C ASP A 68 -9.68 -8.58 -13.39
N ALA A 69 -9.88 -9.83 -13.83
CA ALA A 69 -9.88 -10.99 -12.95
C ALA A 69 -8.50 -11.25 -12.33
N ILE A 70 -7.46 -11.17 -13.17
CA ILE A 70 -6.07 -11.32 -12.71
C ILE A 70 -5.73 -10.23 -11.70
N ALA A 71 -6.14 -9.00 -11.99
CA ALA A 71 -5.96 -7.85 -11.09
C ALA A 71 -6.64 -8.08 -9.73
N THR A 72 -7.85 -8.64 -9.75
CA THR A 72 -8.62 -8.94 -8.55
C THR A 72 -7.93 -10.01 -7.72
N ALA A 73 -7.53 -11.11 -8.38
CA ALA A 73 -6.79 -12.19 -7.76
C ALA A 73 -5.55 -11.65 -7.06
N SER A 74 -4.78 -10.83 -7.79
CA SER A 74 -3.55 -10.22 -7.28
C SER A 74 -3.79 -9.42 -5.99
N LYS A 75 -4.83 -8.58 -6.00
CA LYS A 75 -5.23 -7.81 -4.82
C LYS A 75 -5.48 -8.74 -3.64
N ALA A 76 -6.30 -9.78 -3.88
CA ALA A 76 -6.66 -10.75 -2.85
C ALA A 76 -5.45 -11.47 -2.29
N LEU A 77 -4.50 -11.79 -3.17
CA LEU A 77 -3.25 -12.45 -2.78
C LEU A 77 -2.37 -11.55 -1.92
N CYS A 78 -2.32 -10.26 -2.28
CA CYS A 78 -1.64 -9.25 -1.48
C CYS A 78 -2.25 -9.20 -0.07
N GLY A 79 -3.59 -9.09 -0.01
CA GLY A 79 -4.33 -9.04 1.24
C GLY A 79 -4.14 -10.27 2.11
N PHE A 80 -4.15 -11.45 1.47
CA PHE A 80 -3.87 -12.72 2.13
C PHE A 80 -2.51 -12.70 2.81
N THR A 81 -1.48 -12.28 2.05
CA THR A 81 -0.09 -12.36 2.49
C THR A 81 0.18 -11.38 3.62
N GLU A 82 -0.38 -10.18 3.51
CA GLU A 82 -0.28 -9.17 4.57
C GLU A 82 -0.88 -9.70 5.89
N ALA A 83 -2.06 -10.31 5.77
CA ALA A 83 -2.75 -10.89 6.91
C ALA A 83 -1.94 -12.03 7.54
N ALA A 84 -1.44 -12.92 6.69
CA ALA A 84 -0.65 -14.07 7.11
C ALA A 84 0.65 -13.67 7.80
N ALA A 85 1.36 -12.70 7.20
CA ALA A 85 2.61 -12.18 7.75
C ALA A 85 2.39 -11.54 9.12
N GLN A 86 1.41 -10.64 9.20
CA GLN A 86 1.02 -9.98 10.44
C GLN A 86 0.68 -11.00 11.52
N ALA A 87 -0.13 -12.00 11.15
CA ALA A 87 -0.52 -13.10 12.04
C ALA A 87 0.70 -13.85 12.54
N ALA A 88 1.65 -14.10 11.63
CA ALA A 88 2.91 -14.77 11.95
C ALA A 88 3.65 -13.98 13.04
N TYR A 89 3.84 -12.69 12.82
CA TYR A 89 4.50 -11.75 13.76
C TYR A 89 3.83 -11.86 15.14
N LEU A 90 2.49 -11.72 15.17
CA LEU A 90 1.71 -11.75 16.39
C LEU A 90 1.90 -13.06 17.16
N VAL A 91 1.95 -14.18 16.42
CA VAL A 91 2.22 -15.49 16.99
C VAL A 91 3.62 -15.56 17.61
N GLY A 92 4.61 -15.00 16.91
CA GLY A 92 5.99 -14.96 17.37
C GLY A 92 6.16 -14.21 18.68
N VAL A 93 5.92 -12.90 18.64
CA VAL A 93 6.09 -12.01 19.79
C VAL A 93 5.32 -12.46 21.04
N SER A 94 4.19 -13.14 20.82
CA SER A 94 3.35 -13.65 21.91
C SER A 94 4.00 -14.78 22.74
N ASP A 95 5.10 -15.35 22.23
CA ASP A 95 5.86 -16.33 22.99
C ASP A 95 6.47 -15.66 24.23
N PRO A 96 6.38 -16.29 25.43
CA PRO A 96 6.99 -15.74 26.64
C PRO A 96 8.45 -15.27 26.47
N ASN A 97 9.28 -16.07 25.79
CA ASN A 97 10.69 -15.74 25.58
C ASN A 97 10.90 -14.55 24.65
N SER A 98 9.94 -14.33 23.74
CA SER A 98 10.02 -13.25 22.75
C SER A 98 9.74 -11.88 23.38
N GLN A 99 10.59 -10.91 23.04
CA GLN A 99 10.41 -9.50 23.40
C GLN A 99 9.88 -8.76 22.18
N ALA A 100 8.83 -7.96 22.39
CA ALA A 100 8.15 -7.24 21.30
C ALA A 100 9.00 -6.11 20.75
N GLY A 101 8.70 -5.73 19.50
CA GLY A 101 9.39 -4.66 18.79
C GLY A 101 8.44 -3.58 18.34
N GLN A 102 8.89 -2.32 18.41
CA GLN A 102 8.08 -1.15 18.08
C GLN A 102 7.77 -1.06 16.59
N GLN A 103 6.49 -0.77 16.28
CA GLN A 103 6.06 -0.48 14.92
C GLN A 103 6.52 0.92 14.54
N GLY A 104 7.09 1.05 13.34
CA GLY A 104 7.51 2.34 12.81
C GLY A 104 6.29 3.20 12.53
N LEU A 105 6.31 4.43 13.03
CA LEU A 105 5.21 5.39 12.86
C LEU A 105 5.03 5.78 11.39
N VAL A 106 6.12 5.77 10.64
CA VAL A 106 6.11 6.04 9.20
C VAL A 106 7.17 5.20 8.49
N GLU A 107 6.93 4.88 7.22
CA GLU A 107 7.93 4.25 6.36
C GLU A 107 8.91 5.33 5.90
N PRO A 108 10.19 5.28 6.33
CA PRO A 108 11.13 6.39 6.08
C PRO A 108 11.56 6.48 4.61
N THR A 109 11.68 5.34 3.93
CA THR A 109 12.03 5.29 2.51
C THR A 109 10.92 5.87 1.65
N GLN A 110 9.68 5.41 1.91
CA GLN A 110 8.48 5.92 1.25
C GLN A 110 8.31 7.42 1.51
N PHE A 111 8.66 7.85 2.73
CA PHE A 111 8.68 9.25 3.13
C PHE A 111 9.68 10.05 2.28
N ALA A 112 10.89 9.51 2.14
CA ALA A 112 11.97 10.14 1.36
C ALA A 112 11.61 10.25 -0.13
N ARG A 113 10.93 9.22 -0.65
CA ARG A 113 10.41 9.16 -2.04
C ARG A 113 9.37 10.28 -2.25
N ALA A 114 8.46 10.45 -1.28
CA ALA A 114 7.48 11.53 -1.30
C ALA A 114 8.17 12.89 -1.32
N ASN A 115 9.12 13.08 -0.40
CA ASN A 115 9.91 14.31 -0.32
C ASN A 115 10.52 14.67 -1.68
N GLN A 116 11.31 13.75 -2.22
CA GLN A 116 12.03 13.92 -3.49
C GLN A 116 11.11 14.15 -4.68
N ALA A 117 9.98 13.43 -4.71
CA ALA A 117 9.00 13.53 -5.79
C ALA A 117 8.33 14.91 -5.80
N ILE A 118 7.83 15.33 -4.62
CA ILE A 118 7.25 16.66 -4.42
C ILE A 118 8.25 17.73 -4.89
N GLN A 119 9.48 17.61 -4.40
CA GLN A 119 10.58 18.52 -4.73
C GLN A 119 10.78 18.69 -6.24
N MET A 120 10.96 17.57 -6.94
CA MET A 120 11.13 17.56 -8.39
C MET A 120 9.97 18.23 -9.12
N ALA A 121 8.74 17.95 -8.65
CA ALA A 121 7.52 18.51 -9.24
C ALA A 121 7.43 20.03 -9.08
N CYS A 122 7.78 20.52 -7.88
CA CYS A 122 7.86 21.95 -7.59
C CYS A 122 8.88 22.63 -8.52
N GLN A 123 10.07 22.05 -8.58
CA GLN A 123 11.15 22.51 -9.45
C GLN A 123 10.70 22.60 -10.91
N SER A 124 9.94 21.60 -11.36
CA SER A 124 9.41 21.53 -12.72
C SER A 124 8.50 22.72 -13.02
N LEU A 125 7.43 22.85 -12.21
CA LEU A 125 6.45 23.92 -12.40
C LEU A 125 7.03 25.32 -12.18
N GLY A 126 8.18 25.38 -11.50
CA GLY A 126 8.94 26.61 -11.36
C GLY A 126 9.64 27.09 -12.63
N GLU A 127 9.91 26.17 -13.56
CA GLU A 127 10.71 26.45 -14.75
C GLU A 127 10.01 27.36 -15.76
N PRO A 128 10.76 28.23 -16.49
CA PRO A 128 10.20 28.92 -17.66
C PRO A 128 9.86 27.94 -18.79
N GLY A 129 10.76 27.01 -19.09
CA GLY A 129 10.55 25.97 -20.10
C GLY A 129 9.70 24.84 -19.56
N CYS A 130 8.39 25.12 -19.43
CA CYS A 130 7.42 24.19 -18.84
C CYS A 130 6.03 24.55 -19.39
N THR A 131 5.42 23.61 -20.11
CA THR A 131 4.13 23.84 -20.77
C THR A 131 3.00 23.82 -19.75
N GLN A 132 1.82 24.29 -20.18
CA GLN A 132 0.61 24.29 -19.36
C GLN A 132 0.30 22.86 -18.91
N ALA A 133 0.37 21.92 -19.86
CA ALA A 133 0.17 20.48 -19.62
C ALA A 133 1.13 19.93 -18.57
N GLN A 134 2.42 20.31 -18.69
CA GLN A 134 3.47 19.85 -17.78
C GLN A 134 3.27 20.34 -16.35
N VAL A 135 2.69 21.53 -16.20
CA VAL A 135 2.38 22.10 -14.88
C VAL A 135 1.28 21.30 -14.19
N LEU A 136 0.26 20.87 -14.96
CA LEU A 136 -0.84 20.05 -14.47
C LEU A 136 -0.36 18.68 -14.02
N SER A 137 0.43 18.02 -14.86
CA SER A 137 0.99 16.70 -14.57
C SER A 137 1.93 16.74 -13.36
N ALA A 138 2.72 17.82 -13.26
CA ALA A 138 3.57 18.09 -12.10
C ALA A 138 2.72 18.20 -10.83
N ALA A 139 1.58 18.89 -10.94
CA ALA A 139 0.64 19.08 -9.84
C ALA A 139 0.02 17.76 -9.35
N THR A 140 -0.29 16.85 -10.29
CA THR A 140 -0.81 15.53 -9.95
C THR A 140 0.22 14.70 -9.19
N ILE A 141 1.50 14.90 -9.52
CA ILE A 141 2.62 14.27 -8.80
C ILE A 141 2.73 14.84 -7.38
N VAL A 142 2.82 16.17 -7.27
CA VAL A 142 2.80 16.85 -5.97
C VAL A 142 1.65 16.31 -5.13
N ALA A 143 0.45 16.30 -5.71
CA ALA A 143 -0.77 15.86 -5.04
C ALA A 143 -0.67 14.42 -4.56
N LYS A 144 -0.20 13.52 -5.43
CA LYS A 144 -0.06 12.10 -5.13
C LYS A 144 0.72 11.89 -3.83
N HIS A 145 1.94 12.44 -3.78
CA HIS A 145 2.86 12.21 -2.67
C HIS A 145 2.50 13.00 -1.41
N THR A 146 1.97 14.21 -1.60
CA THR A 146 1.47 15.04 -0.51
C THR A 146 0.39 14.31 0.31
N SER A 147 -0.62 13.77 -0.38
CA SER A 147 -1.69 13.01 0.25
C SER A 147 -1.15 11.76 0.94
N ALA A 148 -0.14 11.12 0.32
CA ALA A 148 0.56 9.98 0.91
C ALA A 148 1.16 10.35 2.28
N LEU A 149 1.81 11.52 2.33
CA LEU A 149 2.41 12.03 3.57
C LEU A 149 1.37 12.29 4.67
N CYS A 150 0.28 12.98 4.30
CA CYS A 150 -0.80 13.31 5.24
C CYS A 150 -1.46 12.06 5.80
N ASN A 151 -1.72 11.09 4.92
CA ASN A 151 -2.28 9.79 5.30
C ASN A 151 -1.36 9.05 6.27
N SER A 152 -0.05 9.05 5.98
CA SER A 152 0.96 8.43 6.83
C SER A 152 1.01 9.09 8.22
N CYS A 153 0.87 10.41 8.25
CA CYS A 153 0.81 11.18 9.51
C CYS A 153 -0.41 10.80 10.33
N ARG A 154 -1.55 10.65 9.65
CA ARG A 154 -2.85 10.20 10.25
C ARG A 154 -2.63 8.84 10.93
N LEU A 155 -2.05 7.88 10.22
CA LEU A 155 -1.72 6.57 10.78
C LEU A 155 -0.75 6.67 11.95
N ALA A 156 0.31 7.46 11.78
CA ALA A 156 1.34 7.67 12.80
C ALA A 156 0.75 8.12 14.13
N SER A 157 -0.15 9.11 14.08
CA SER A 157 -0.84 9.63 15.26
C SER A 157 -1.71 8.56 15.94
N ALA A 158 -2.44 7.78 15.13
CA ALA A 158 -3.26 6.68 15.62
C ALA A 158 -2.43 5.63 16.36
N ARG A 159 -1.27 5.28 15.77
CA ARG A 159 -0.32 4.28 16.30
C ARG A 159 0.26 4.79 17.63
N THR A 160 0.91 5.96 17.62
CA THR A 160 1.60 6.47 18.80
C THR A 160 0.64 6.87 19.92
N ALA A 161 1.04 6.58 21.16
CA ALA A 161 0.35 7.02 22.36
C ALA A 161 1.00 8.28 22.94
N ASN A 162 2.09 8.73 22.30
CA ASN A 162 2.84 9.91 22.73
C ASN A 162 2.08 11.21 22.50
N PRO A 163 1.96 12.08 23.53
CA PRO A 163 1.15 13.30 23.42
C PRO A 163 1.69 14.30 22.38
N THR A 164 2.98 14.63 22.46
CA THR A 164 3.62 15.55 21.52
C THR A 164 3.64 14.98 20.10
N ALA A 165 3.83 13.66 19.99
CA ALA A 165 3.83 12.98 18.71
C ALA A 165 2.50 13.14 17.99
N LYS A 166 1.42 12.67 18.63
CA LYS A 166 0.08 12.71 18.02
C LYS A 166 -0.25 14.09 17.48
N ARG A 167 -0.02 15.12 18.33
CA ARG A 167 -0.32 16.55 18.03
C ARG A 167 0.50 16.99 16.82
N GLN A 168 1.84 16.85 16.89
CA GLN A 168 2.75 17.36 15.88
C GLN A 168 2.60 16.67 14.52
N PHE A 169 2.37 15.35 14.54
CA PHE A 169 2.14 14.60 13.31
C PHE A 169 0.90 15.11 12.56
N VAL A 170 -0.20 15.28 13.30
CA VAL A 170 -1.45 15.81 12.74
C VAL A 170 -1.28 17.27 12.31
N GLN A 171 -0.49 18.03 13.07
CA GLN A 171 -0.20 19.43 12.78
C GLN A 171 0.60 19.58 11.48
N SER A 172 1.71 18.84 11.39
CA SER A 172 2.54 18.82 10.19
C SER A 172 1.74 18.43 8.96
N ALA A 173 0.91 17.38 9.10
CA ALA A 173 0.01 16.93 8.05
C ALA A 173 -0.89 18.07 7.56
N LYS A 174 -1.45 18.82 8.52
CA LYS A 174 -2.32 19.96 8.22
C LYS A 174 -1.58 21.04 7.44
N GLU A 175 -0.32 21.31 7.82
CA GLU A 175 0.52 22.29 7.12
C GLU A 175 0.74 21.86 5.68
N VAL A 176 1.05 20.58 5.47
CA VAL A 176 1.28 20.01 4.15
C VAL A 176 0.04 20.15 3.26
N ALA A 177 -1.12 19.73 3.80
CA ALA A 177 -2.40 19.81 3.10
C ALA A 177 -2.81 21.26 2.76
N ASN A 178 -2.66 22.16 3.74
CA ASN A 178 -2.95 23.58 3.58
C ASN A 178 -2.14 24.18 2.43
N SER A 179 -0.81 24.09 2.53
CA SER A 179 0.10 24.70 1.56
C SER A 179 0.02 24.05 0.19
N THR A 180 -0.40 22.78 0.15
CA THR A 180 -0.65 22.09 -1.11
C THR A 180 -1.94 22.58 -1.75
N ALA A 181 -2.96 22.84 -0.93
CA ALA A 181 -4.20 23.47 -1.39
C ALA A 181 -3.94 24.85 -1.99
N ASN A 182 -3.02 25.61 -1.36
CA ASN A 182 -2.59 26.93 -1.83
C ASN A 182 -1.86 26.84 -3.16
N LEU A 183 -1.00 25.82 -3.31
CA LEU A 183 -0.23 25.57 -4.53
C LEU A 183 -1.15 25.20 -5.68
N VAL A 184 -2.00 24.19 -5.48
CA VAL A 184 -2.92 23.69 -6.49
C VAL A 184 -3.89 24.79 -6.93
N LYS A 185 -4.21 25.72 -6.02
CA LYS A 185 -5.05 26.88 -6.30
C LYS A 185 -4.42 27.82 -7.31
N THR A 186 -3.20 28.30 -7.01
CA THR A 186 -2.47 29.21 -7.89
C THR A 186 -2.11 28.58 -9.23
N ILE A 187 -1.94 27.24 -9.24
CA ILE A 187 -1.76 26.47 -10.47
C ILE A 187 -3.05 26.42 -11.29
N LYS A 188 -4.20 26.42 -10.61
CA LYS A 188 -5.52 26.48 -11.26
C LYS A 188 -5.74 27.86 -11.88
N ALA A 189 -5.29 28.90 -11.17
CA ALA A 189 -5.29 30.27 -11.70
C ALA A 189 -4.40 30.37 -12.94
N LEU A 190 -3.21 29.76 -12.86
CA LEU A 190 -2.26 29.67 -13.97
C LEU A 190 -2.84 28.90 -15.17
N ASP A 191 -3.68 27.90 -14.88
CA ASP A 191 -4.38 27.12 -15.90
C ASP A 191 -5.51 27.95 -16.52
N GLY A 192 -6.06 28.87 -15.74
CA GLY A 192 -7.03 29.86 -16.21
C GLY A 192 -6.40 30.87 -17.16
N ASP A 193 -5.21 31.37 -16.79
CA ASP A 193 -4.46 32.33 -17.60
C ASP A 193 -2.95 32.12 -17.43
N PHE A 194 -2.33 31.47 -18.42
CA PHE A 194 -0.91 31.12 -18.38
C PHE A 194 -0.03 32.35 -18.67
N THR A 195 0.43 32.99 -17.58
CA THR A 195 1.26 34.20 -17.66
C THR A 195 2.41 34.17 -16.64
N GLU A 196 3.40 35.03 -16.86
CA GLU A 196 4.60 35.14 -16.03
C GLU A 196 4.27 35.36 -14.55
N GLU A 197 3.32 36.26 -14.29
CA GLU A 197 2.87 36.60 -12.94
C GLU A 197 2.42 35.33 -12.20
N ASN A 198 1.52 34.57 -12.83
CA ASN A 198 0.95 33.35 -12.28
C ASN A 198 2.00 32.26 -12.03
N ARG A 199 3.01 32.21 -12.89
CA ARG A 199 4.12 31.21 -12.84
C ARG A 199 5.08 31.57 -11.69
N ALA A 200 5.40 32.85 -11.51
CA ALA A 200 6.23 33.33 -10.40
C ALA A 200 5.51 33.16 -9.06
N GLN A 201 4.19 33.36 -9.07
CA GLN A 201 3.34 33.14 -7.90
C GLN A 201 3.37 31.67 -7.49
N CYS A 202 3.31 30.78 -8.49
CA CYS A 202 3.39 29.33 -8.29
C CYS A 202 4.74 28.92 -7.69
N ARG A 203 5.81 29.54 -8.17
CA ARG A 203 7.20 29.30 -7.66
C ARG A 203 7.31 29.75 -6.21
N ALA A 204 6.59 30.81 -5.83
CA ALA A 204 6.51 31.24 -4.43
C ALA A 204 5.75 30.21 -3.60
N ALA A 205 4.58 29.79 -4.10
CA ALA A 205 3.67 28.88 -3.41
C ALA A 205 4.28 27.53 -2.98
N THR A 206 5.37 27.13 -3.65
CA THR A 206 6.08 25.89 -3.34
C THR A 206 6.93 25.99 -2.06
N ALA A 207 7.39 27.21 -1.75
CA ALA A 207 8.24 27.45 -0.57
C ALA A 207 7.63 26.94 0.74
N PRO A 208 6.41 27.38 1.12
CA PRO A 208 5.79 26.91 2.37
C PRO A 208 5.51 25.40 2.39
N LEU A 209 5.24 24.80 1.23
CA LEU A 209 5.03 23.36 1.12
C LEU A 209 6.33 22.59 1.38
N LEU A 210 7.41 23.04 0.74
CA LEU A 210 8.72 22.42 0.93
C LEU A 210 9.23 22.56 2.36
N GLU A 211 8.97 23.74 2.96
CA GLU A 211 9.28 23.97 4.37
C GLU A 211 8.51 23.01 5.28
N ALA A 212 7.20 22.88 5.03
CA ALA A 212 6.32 21.99 5.78
C ALA A 212 6.77 20.52 5.69
N VAL A 213 7.12 20.09 4.48
CA VAL A 213 7.63 18.74 4.24
C VAL A 213 8.96 18.54 4.98
N ASP A 214 9.84 19.55 4.91
CA ASP A 214 11.13 19.53 5.58
C ASP A 214 11.00 19.43 7.11
N ASN A 215 10.04 20.17 7.68
CA ASN A 215 9.73 20.13 9.11
C ASN A 215 9.32 18.72 9.52
N LEU A 216 8.29 18.19 8.83
CA LEU A 216 7.78 16.85 9.07
C LEU A 216 8.89 15.80 8.99
N SER A 217 9.80 15.98 8.02
CA SER A 217 10.97 15.12 7.86
C SER A 217 11.83 15.11 9.11
N ALA A 218 12.21 16.31 9.57
CA ALA A 218 13.01 16.49 10.78
C ALA A 218 12.35 15.82 11.99
N PHE A 219 11.03 15.99 12.12
CA PHE A 219 10.27 15.42 13.22
C PHE A 219 10.23 13.90 13.18
N ALA A 220 9.94 13.35 11.99
CA ALA A 220 9.84 11.91 11.77
C ALA A 220 11.18 11.19 11.92
N SER A 221 12.28 11.90 11.64
CA SER A 221 13.64 11.37 11.75
C SER A 221 13.97 10.87 13.15
N ASN A 222 13.39 11.54 14.16
CA ASN A 222 13.56 11.21 15.57
C ASN A 222 13.54 9.71 15.82
N PRO A 223 14.60 9.12 16.42
CA PRO A 223 14.72 7.67 16.52
C PRO A 223 13.64 7.02 17.41
N GLU A 224 12.95 7.82 18.22
CA GLU A 224 11.82 7.36 19.02
C GLU A 224 10.63 6.91 18.16
N PHE A 225 10.50 7.50 16.97
CA PHE A 225 9.39 7.18 16.05
C PHE A 225 9.71 6.05 15.05
N SER A 226 10.98 5.63 14.99
CA SER A 226 11.41 4.57 14.08
C SER A 226 11.03 3.19 14.62
N SER A 227 11.03 2.20 13.71
CA SER A 227 10.71 0.82 14.05
C SER A 227 11.90 0.13 14.70
N VAL A 228 11.61 -0.78 15.63
CA VAL A 228 12.61 -1.65 16.26
C VAL A 228 12.16 -3.08 16.04
N PRO A 229 13.04 -3.98 15.52
CA PRO A 229 12.66 -5.36 15.26
C PRO A 229 12.47 -6.15 16.57
N ALA A 230 11.59 -7.15 16.54
CA ALA A 230 11.28 -7.95 17.72
C ALA A 230 12.37 -8.99 17.95
N GLN A 231 12.60 -9.30 19.24
CA GLN A 231 13.42 -10.44 19.64
C GLN A 231 12.48 -11.63 19.65
N ILE A 232 12.46 -12.39 18.55
CA ILE A 232 11.62 -13.57 18.40
C ILE A 232 12.39 -14.84 18.75
N SER A 233 11.87 -15.58 19.74
CA SER A 233 12.50 -16.79 20.26
C SER A 233 12.40 -17.96 19.27
N PRO A 234 13.31 -18.96 19.35
CA PRO A 234 13.21 -20.17 18.54
C PRO A 234 11.83 -20.83 18.63
N GLU A 235 11.22 -20.81 19.82
CA GLU A 235 9.90 -21.37 20.05
C GLU A 235 8.84 -20.61 19.25
N GLY A 236 8.91 -19.28 19.32
CA GLY A 236 8.04 -18.39 18.55
C GLY A 236 8.15 -18.64 17.05
N ARG A 237 9.38 -18.77 16.57
CA ARG A 237 9.70 -19.08 15.15
C ARG A 237 9.04 -20.40 14.75
N ALA A 238 9.18 -21.43 15.58
CA ALA A 238 8.58 -22.74 15.35
C ALA A 238 7.05 -22.63 15.28
N ALA A 239 6.47 -21.83 16.18
CA ALA A 239 5.04 -21.60 16.24
C ALA A 239 4.45 -21.01 14.95
N MET A 240 5.19 -20.05 14.34
CA MET A 240 4.70 -19.32 13.16
C MET A 240 5.01 -19.99 11.81
N GLU A 241 5.88 -21.00 11.81
CA GLU A 241 6.31 -21.67 10.57
C GLU A 241 5.15 -22.17 9.71
N PRO A 242 4.18 -22.92 10.27
CA PRO A 242 3.07 -23.46 9.46
C PRO A 242 2.31 -22.37 8.67
N ILE A 243 2.05 -21.23 9.30
CA ILE A 243 1.39 -20.09 8.68
C ILE A 243 2.23 -19.59 7.50
N VAL A 244 3.53 -19.37 7.77
CA VAL A 244 4.47 -18.89 6.75
C VAL A 244 4.54 -19.84 5.55
N ILE A 245 4.72 -21.15 5.83
CA ILE A 245 4.83 -22.17 4.78
C ILE A 245 3.56 -22.26 3.93
N SER A 246 2.40 -22.28 4.61
CA SER A 246 1.10 -22.31 3.94
C SER A 246 0.92 -21.10 3.02
N ALA A 247 1.28 -19.92 3.52
CA ALA A 247 1.18 -18.67 2.77
C ALA A 247 2.09 -18.67 1.54
N LYS A 248 3.33 -19.15 1.72
CA LYS A 248 4.30 -19.27 0.64
C LYS A 248 3.80 -20.20 -0.47
N THR A 249 3.33 -21.39 -0.08
CA THR A 249 2.82 -22.38 -1.02
C THR A 249 1.63 -21.82 -1.80
N MET A 250 0.73 -21.14 -1.08
CA MET A 250 -0.41 -20.44 -1.67
C MET A 250 0.06 -19.51 -2.80
N LEU A 251 1.08 -18.70 -2.52
CA LEU A 251 1.66 -17.77 -3.50
C LEU A 251 2.31 -18.49 -4.70
N GLU A 252 3.03 -19.58 -4.44
CA GLU A 252 3.64 -20.38 -5.51
C GLU A 252 2.58 -20.87 -6.48
N SER A 253 1.57 -21.55 -5.94
CA SER A 253 0.49 -22.11 -6.75
C SER A 253 -0.36 -21.05 -7.44
N ALA A 254 -0.54 -19.89 -6.80
CA ALA A 254 -1.29 -18.77 -7.38
C ALA A 254 -0.56 -18.18 -8.61
N GLY A 255 0.76 -18.01 -8.46
CA GLY A 255 1.63 -17.59 -9.55
C GLY A 255 1.56 -18.56 -10.70
N GLY A 256 1.63 -19.86 -10.37
CA GLY A 256 1.46 -20.93 -11.34
C GLY A 256 0.13 -20.85 -12.07
N LEU A 257 -0.94 -20.55 -11.32
CA LEU A 257 -2.29 -20.43 -11.86
C LEU A 257 -2.37 -19.29 -12.88
N ILE A 258 -1.86 -18.12 -12.50
CA ILE A 258 -1.85 -16.94 -13.37
C ILE A 258 -1.05 -17.21 -14.66
N GLN A 259 0.19 -17.67 -14.49
CA GLN A 259 1.09 -17.98 -15.59
C GLN A 259 0.45 -18.92 -16.61
N THR A 260 -0.13 -20.02 -16.12
CA THR A 260 -0.82 -21.00 -16.95
C THR A 260 -2.08 -20.42 -17.59
N ALA A 261 -2.78 -19.56 -16.84
CA ALA A 261 -4.04 -18.95 -17.27
C ALA A 261 -3.86 -18.00 -18.46
N ARG A 262 -2.73 -17.29 -18.51
CA ARG A 262 -2.37 -16.40 -19.65
C ARG A 262 -2.19 -17.24 -20.92
N ALA A 263 -1.44 -18.34 -20.82
CA ALA A 263 -1.20 -19.27 -21.92
C ALA A 263 -2.51 -19.82 -22.46
N LEU A 264 -3.44 -20.11 -21.56
CA LEU A 264 -4.77 -20.61 -21.91
C LEU A 264 -5.64 -19.54 -22.56
N ALA A 265 -5.46 -18.29 -22.11
CA ALA A 265 -6.14 -17.14 -22.69
C ALA A 265 -5.75 -16.97 -24.16
N VAL A 266 -4.45 -17.08 -24.45
CA VAL A 266 -3.96 -16.99 -25.84
C VAL A 266 -4.23 -18.26 -26.68
N ASN A 267 -4.36 -19.42 -26.02
CA ASN A 267 -4.67 -20.69 -26.69
C ASN A 267 -5.52 -21.62 -25.81
N PRO A 268 -6.87 -21.45 -25.83
CA PRO A 268 -7.77 -22.21 -24.95
C PRO A 268 -7.72 -23.74 -25.11
N ARG A 269 -7.58 -24.23 -26.35
CA ARG A 269 -7.62 -25.68 -26.67
C ARG A 269 -6.29 -26.33 -26.26
N ASP A 270 -6.17 -26.70 -24.98
CA ASP A 270 -5.01 -27.42 -24.46
C ASP A 270 -5.34 -28.12 -23.13
N PRO A 271 -5.78 -29.39 -23.17
CA PRO A 271 -6.11 -30.14 -21.96
C PRO A 271 -5.01 -30.20 -20.90
N PRO A 272 -3.72 -30.39 -21.26
CA PRO A 272 -2.65 -30.40 -20.27
C PRO A 272 -2.57 -29.12 -19.42
N ARG A 273 -2.66 -27.95 -20.08
CA ARG A 273 -2.64 -26.61 -19.44
C ARG A 273 -3.86 -26.47 -18.51
N TRP A 274 -5.02 -26.93 -18.96
CA TRP A 274 -6.24 -26.94 -18.16
C TRP A 274 -6.08 -27.79 -16.89
N SER A 275 -5.45 -28.95 -17.03
CA SER A 275 -5.17 -29.85 -15.92
C SER A 275 -4.18 -29.20 -14.94
N VAL A 276 -3.17 -28.51 -15.47
CA VAL A 276 -2.19 -27.79 -14.67
C VAL A 276 -2.85 -26.64 -13.89
N LEU A 277 -3.73 -25.90 -14.58
CA LEU A 277 -4.51 -24.82 -13.97
C LEU A 277 -5.34 -25.34 -12.79
N ALA A 278 -6.04 -26.45 -13.03
CA ALA A 278 -6.86 -27.12 -12.01
C ALA A 278 -6.04 -27.49 -10.78
N GLY A 279 -4.89 -28.13 -11.01
CA GLY A 279 -3.95 -28.52 -9.97
C GLY A 279 -3.50 -27.33 -9.12
N HIS A 280 -3.15 -26.23 -9.79
CA HIS A 280 -2.75 -24.99 -9.13
C HIS A 280 -3.88 -24.42 -8.26
N SER A 281 -5.09 -24.37 -8.81
CA SER A 281 -6.29 -23.91 -8.08
C SER A 281 -6.50 -24.72 -6.80
N ARG A 282 -6.40 -26.03 -6.93
CA ARG A 282 -6.59 -27.00 -5.81
C ARG A 282 -5.52 -26.79 -4.75
N THR A 283 -4.25 -26.65 -5.16
CA THR A 283 -3.16 -26.40 -4.21
C THR A 283 -3.34 -25.06 -3.49
N VAL A 284 -3.89 -24.06 -4.21
CA VAL A 284 -4.23 -22.76 -3.62
C VAL A 284 -5.27 -22.95 -2.52
N SER A 285 -6.36 -23.66 -2.85
CA SER A 285 -7.43 -23.97 -1.89
C SER A 285 -6.89 -24.67 -0.65
N ASP A 286 -6.10 -25.73 -0.87
CA ASP A 286 -5.51 -26.53 0.21
C ASP A 286 -4.56 -25.71 1.08
N SER A 287 -3.81 -24.80 0.46
CA SER A 287 -2.89 -23.90 1.15
C SER A 287 -3.65 -22.90 2.03
N ILE A 288 -4.75 -22.36 1.50
CA ILE A 288 -5.62 -21.43 2.23
C ILE A 288 -6.27 -22.11 3.44
N LYS A 289 -6.76 -23.35 3.23
CA LYS A 289 -7.36 -24.13 4.30
C LYS A 289 -6.36 -24.48 5.40
N LYS A 290 -5.15 -24.89 4.98
CA LYS A 290 -4.06 -25.21 5.89
C LYS A 290 -3.56 -23.97 6.64
N LEU A 291 -3.62 -22.81 5.98
CA LEU A 291 -3.29 -21.52 6.57
C LEU A 291 -4.29 -21.15 7.66
N ILE A 292 -5.59 -21.26 7.35
CA ILE A 292 -6.66 -20.95 8.30
C ILE A 292 -6.58 -21.84 9.54
N THR A 293 -6.48 -23.16 9.31
CA THR A 293 -6.33 -24.15 10.37
C THR A 293 -5.09 -23.88 11.22
N SER A 294 -3.98 -23.55 10.54
CA SER A 294 -2.72 -23.22 11.19
C SER A 294 -2.82 -21.97 12.07
N MET A 295 -3.58 -20.97 11.60
CA MET A 295 -3.82 -19.74 12.33
C MET A 295 -4.68 -19.97 13.56
N ARG A 296 -5.71 -20.82 13.44
CA ARG A 296 -6.57 -21.27 14.57
C ARG A 296 -5.68 -21.95 15.61
N ASP A 297 -5.02 -23.05 15.23
CA ASP A 297 -4.22 -23.88 16.13
C ASP A 297 -3.15 -23.09 16.90
N LYS A 298 -2.53 -22.13 16.22
CA LYS A 298 -1.45 -21.32 16.78
C LYS A 298 -1.94 -19.96 17.31
N ALA A 299 -3.26 -19.79 17.41
CA ALA A 299 -3.86 -18.52 17.85
C ALA A 299 -3.35 -18.12 19.23
N PRO A 300 -2.87 -16.87 19.43
CA PRO A 300 -2.22 -16.48 20.68
C PRO A 300 -3.21 -16.36 21.85
N GLY A 301 -2.69 -16.46 23.08
CA GLY A 301 -3.49 -16.42 24.30
C GLY A 301 -3.72 -17.78 24.94
N GLN A 302 -3.46 -18.84 24.17
CA GLN A 302 -3.69 -20.22 24.61
C GLN A 302 -2.68 -20.65 25.68
N SER B 1 -19.74 12.75 -11.70
CA SER B 1 -19.71 13.78 -12.77
C SER B 1 -18.30 13.95 -13.33
N THR B 2 -18.21 14.50 -14.54
CA THR B 2 -16.94 14.82 -15.19
C THR B 2 -16.39 16.12 -14.61
N LYS B 3 -15.50 15.98 -13.61
CA LYS B 3 -14.93 17.10 -12.87
C LYS B 3 -13.46 17.31 -13.24
N HIS B 4 -12.99 18.55 -13.05
CA HIS B 4 -11.61 18.92 -13.35
C HIS B 4 -10.66 18.30 -12.32
N ILE B 5 -9.54 17.77 -12.81
CA ILE B 5 -8.56 17.09 -11.97
C ILE B 5 -8.07 17.99 -10.82
N LEU B 6 -7.80 19.27 -11.14
CA LEU B 6 -7.40 20.27 -10.15
C LEU B 6 -8.49 20.50 -9.11
N ASP B 7 -9.73 20.62 -9.57
CA ASP B 7 -10.90 20.74 -8.70
C ASP B 7 -10.96 19.58 -7.69
N ASP B 8 -10.74 18.36 -8.19
CA ASP B 8 -10.73 17.15 -7.37
C ASP B 8 -9.60 17.15 -6.33
N ILE B 9 -8.40 17.57 -6.77
CA ILE B 9 -7.23 17.67 -5.88
C ILE B 9 -7.48 18.67 -4.75
N SER B 10 -7.90 19.88 -5.12
CA SER B 10 -8.22 20.95 -4.17
C SER B 10 -9.27 20.50 -3.16
N THR B 11 -10.35 19.87 -3.66
CA THR B 11 -11.41 19.33 -2.81
C THR B 11 -10.86 18.31 -1.81
N MET B 12 -10.04 17.37 -2.32
CA MET B 12 -9.42 16.33 -1.50
C MET B 12 -8.60 16.93 -0.35
N PHE B 13 -7.77 17.94 -0.68
CA PHE B 13 -6.86 18.52 0.30
C PHE B 13 -7.52 19.46 1.31
N ASP B 14 -8.54 20.19 0.87
CA ASP B 14 -9.37 20.99 1.78
C ASP B 14 -10.08 20.07 2.78
N ALA B 15 -10.70 19.01 2.24
CA ALA B 15 -11.38 17.99 3.04
C ALA B 15 -10.45 17.35 4.06
N LEU B 16 -9.25 16.98 3.59
CA LEU B 16 -8.24 16.32 4.43
C LEU B 16 -7.72 17.25 5.52
N ALA B 17 -7.50 18.53 5.16
CA ALA B 17 -7.06 19.56 6.10
C ALA B 17 -8.08 19.80 7.21
N ASP B 18 -9.37 19.77 6.82
CA ASP B 18 -10.48 19.84 7.78
C ASP B 18 -10.46 18.64 8.72
N GLN B 19 -10.41 17.44 8.13
CA GLN B 19 -10.40 16.19 8.89
C GLN B 19 -9.25 16.16 9.91
N LEU B 20 -8.05 16.53 9.47
CA LEU B 20 -6.86 16.61 10.33
C LEU B 20 -7.04 17.65 11.44
N ASP B 21 -7.53 18.84 11.07
CA ASP B 21 -7.81 19.89 12.02
C ASP B 21 -8.68 19.36 13.16
N ALA B 22 -9.76 18.67 12.80
CA ALA B 22 -10.73 18.14 13.75
C ALA B 22 -10.20 16.97 14.58
N MET B 23 -9.37 16.12 13.96
CA MET B 23 -8.85 14.88 14.58
C MET B 23 -8.23 15.09 15.96
N LEU B 24 -7.42 16.14 16.09
CA LEU B 24 -6.89 16.60 17.38
C LEU B 24 -7.20 18.07 17.53
N ASP B 25 -7.95 18.41 18.60
CA ASP B 25 -8.62 19.69 18.76
C ASP B 25 -9.50 19.96 17.54
#